data_9EF8
#
_entry.id   9EF8
#
_cell.length_a   44.961
_cell.length_b   68.664
_cell.length_c   149.991
_cell.angle_alpha   90.000
_cell.angle_beta   90.000
_cell.angle_gamma   90.000
#
_symmetry.space_group_name_H-M   'P 21 21 21'
#
loop_
_entity.id
_entity.type
_entity.pdbx_description
1 polymer 'Glycylpeptide N-tetradecanoyltransferase'
2 non-polymer TETRADECANOYL-COA
3 non-polymer 2-[1-(1,4-diazepan-1-yl)naphthalen-2-yl]-N-(4,5-dimethyl-1,3-thiazol-2-yl)-3-oxo-2,3-dihydro-1H-isoindole-4-carboxamide
4 non-polymer 'CHLORIDE ION'
5 water water
#
_entity_poly.entity_id   1
_entity_poly.type   'polypeptide(L)'
_entity_poly.pdbx_seq_one_letter_code
;GPGSKPHKFWNTQPVVQNDDSSSEYSFGPIEIEPDSFRKEIYKLPDGFSWFDCNLWDIESQDFEDTYQLLKDHYVEDDDS
QFRFNYSKEFLRWALCVPGQKKNWLVGVRVNETKKMVGFISAIPIKVRIHNCIMNTSVVNFLCVHKKLRSKRLAPVLIKE
ITRRIRCEKIFQSIYTCGKNITKPFTIGTYWHRIINVKKLLEAGFIGIPRNMTMSSLIKYHRIPADKRIEGFRPSVDSDA
EQICKLFENYFMKYKDVSNETMNNLINYDEINHSKELGKQAYMKLDKIEDLQDKITIHQCFNVEDVKHYFTNIDKVIVTY
VRENKNKEITDLFSFFIIESTVINNERFPTINIAYSYFNIANTCSLKELFNEMLITAKNNNCDAFNTLDLMQNLQVIQDS
KFIIGTGRLRYYVFNWKIPQISPSNVGIILF
;
_entity_poly.pdbx_strand_id   A
#
loop_
_chem_comp.id
_chem_comp.type
_chem_comp.name
_chem_comp.formula
A1BHR non-polymer 2-[1-(1,4-diazepan-1-yl)naphthalen-2-yl]-N-(4,5-dimethyl-1,3-thiazol-2-yl)-3-oxo-2,3-dihydro-1H-isoindole-4-carboxamide 'C29 H29 N5 O2 S'
CL non-polymer 'CHLORIDE ION' 'Cl -1'
MYA non-polymer TETRADECANOYL-COA 'C35 H62 N7 O17 P3 S'
#
# COMPACT_ATOMS: atom_id res chain seq x y z
N LYS A 5 -20.53 1.10 -19.25
CA LYS A 5 -19.88 0.49 -20.41
C LYS A 5 -19.07 -0.75 -19.99
N PRO A 6 -18.98 -1.75 -20.85
CA PRO A 6 -18.28 -2.98 -20.49
C PRO A 6 -16.78 -2.86 -20.63
N HIS A 7 -16.07 -3.62 -19.81
CA HIS A 7 -14.63 -3.74 -19.94
C HIS A 7 -14.26 -4.40 -21.27
N LYS A 8 -13.05 -4.13 -21.73
CA LYS A 8 -12.47 -4.85 -22.85
C LYS A 8 -11.24 -5.66 -22.47
N PHE A 9 -10.60 -5.34 -21.35
CA PHE A 9 -9.48 -6.11 -20.83
C PHE A 9 -9.83 -6.84 -19.54
N TRP A 10 -10.44 -6.16 -18.58
CA TRP A 10 -10.65 -6.74 -17.26
C TRP A 10 -11.71 -7.84 -17.27
N ASN A 11 -12.63 -7.80 -18.24
CA ASN A 11 -13.58 -8.90 -18.41
C ASN A 11 -12.90 -10.19 -18.82
N THR A 12 -11.61 -10.14 -19.18
CA THR A 12 -10.89 -11.31 -19.66
C THR A 12 -9.91 -11.84 -18.63
N GLN A 13 -9.84 -11.24 -17.45
CA GLN A 13 -8.83 -11.59 -16.45
C GLN A 13 -9.46 -12.35 -15.29
N PRO A 14 -8.68 -13.18 -14.58
CA PRO A 14 -9.22 -13.96 -13.46
C PRO A 14 -9.37 -13.13 -12.19
N VAL A 15 -10.38 -12.28 -12.18
CA VAL A 15 -10.76 -11.48 -11.02
C VAL A 15 -12.28 -11.50 -10.92
N VAL A 16 -12.79 -11.34 -9.71
CA VAL A 16 -14.23 -11.29 -9.51
C VAL A 16 -14.78 -10.05 -10.21
N GLN A 17 -15.78 -10.26 -11.05
CA GLN A 17 -16.37 -9.18 -11.82
C GLN A 17 -17.45 -8.46 -11.03
N ASN A 18 -17.78 -7.24 -11.46
CA ASN A 18 -18.77 -6.44 -10.74
C ASN A 18 -20.14 -7.10 -10.69
N ASP A 19 -20.46 -7.98 -11.63
CA ASP A 19 -21.77 -8.62 -11.69
C ASP A 19 -21.74 -10.06 -11.17
N ASP A 20 -20.71 -10.43 -10.42
CA ASP A 20 -20.61 -11.80 -9.92
C ASP A 20 -21.81 -12.11 -9.03
N SER A 21 -22.45 -13.25 -9.30
CA SER A 21 -23.65 -13.68 -8.60
C SER A 21 -23.38 -14.87 -7.68
N SER A 22 -22.19 -14.94 -7.10
CA SER A 22 -21.85 -16.04 -6.21
C SER A 22 -22.81 -16.09 -5.03
N SER A 23 -23.39 -17.27 -4.79
CA SER A 23 -24.31 -17.49 -3.69
C SER A 23 -23.62 -18.09 -2.47
N GLU A 24 -22.34 -17.76 -2.26
CA GLU A 24 -21.59 -18.37 -1.18
C GLU A 24 -20.32 -17.56 -0.92
N TYR A 25 -19.91 -17.53 0.35
CA TYR A 25 -18.66 -16.90 0.75
C TYR A 25 -17.53 -17.91 0.54
N SER A 26 -16.65 -17.64 -0.43
CA SER A 26 -15.63 -18.59 -0.82
C SER A 26 -14.27 -17.92 -0.91
N PHE A 27 -13.23 -18.69 -0.57
CA PHE A 27 -11.84 -18.31 -0.76
C PHE A 27 -11.18 -19.27 -1.75
N GLY A 28 -10.12 -18.80 -2.39
CA GLY A 28 -9.30 -19.65 -3.21
C GLY A 28 -8.95 -19.04 -4.55
N PRO A 29 -8.09 -19.74 -5.30
CA PRO A 29 -7.71 -19.25 -6.62
C PRO A 29 -8.88 -19.32 -7.59
N ILE A 30 -8.88 -18.40 -8.55
CA ILE A 30 -9.91 -18.38 -9.59
C ILE A 30 -9.56 -19.30 -10.73
N GLU A 31 -8.29 -19.32 -11.16
CA GLU A 31 -7.82 -20.25 -12.16
C GLU A 31 -6.46 -20.79 -11.73
N ILE A 32 -6.15 -22.00 -12.19
CA ILE A 32 -4.89 -22.67 -11.87
C ILE A 32 -4.32 -23.14 -13.20
N GLU A 33 -3.49 -22.29 -13.81
CA GLU A 33 -2.88 -22.57 -15.12
C GLU A 33 -1.37 -22.40 -14.99
N PRO A 34 -0.68 -23.41 -14.44
CA PRO A 34 0.77 -23.28 -14.26
C PRO A 34 1.56 -23.42 -15.55
N ASP A 35 0.94 -23.88 -16.64
CA ASP A 35 1.66 -24.21 -17.86
C ASP A 35 1.11 -23.55 -19.11
N SER A 36 -0.08 -22.96 -19.06
CA SER A 36 -0.75 -22.45 -20.25
C SER A 36 -0.52 -20.96 -20.50
N PHE A 37 0.15 -20.27 -19.59
CA PHE A 37 0.27 -18.82 -19.72
C PHE A 37 1.30 -18.45 -20.78
N ARG A 38 1.10 -17.30 -21.39
CA ARG A 38 2.02 -16.81 -22.41
C ARG A 38 3.36 -16.42 -21.78
N LYS A 39 4.44 -16.83 -22.44
CA LYS A 39 5.79 -16.58 -21.94
C LYS A 39 6.61 -15.67 -22.83
N GLU A 40 6.13 -15.38 -24.04
N GLU A 40 6.18 -15.42 -24.07
CA GLU A 40 6.84 -14.50 -24.96
CA GLU A 40 6.94 -14.53 -24.93
C GLU A 40 6.56 -13.04 -24.63
C GLU A 40 6.59 -13.07 -24.64
N ILE A 41 7.57 -12.20 -24.85
N ILE A 41 7.59 -12.19 -24.81
CA ILE A 41 7.43 -10.78 -24.55
CA ILE A 41 7.40 -10.79 -24.46
C ILE A 41 6.31 -10.20 -25.38
C ILE A 41 6.36 -10.17 -25.37
N TYR A 42 5.53 -9.29 -24.80
CA TYR A 42 4.46 -8.64 -25.53
C TYR A 42 5.02 -7.57 -26.46
N LYS A 43 4.31 -7.35 -27.57
N LYS A 43 4.33 -7.37 -27.57
CA LYS A 43 4.73 -6.41 -28.59
CA LYS A 43 4.75 -6.41 -28.58
C LYS A 43 4.18 -5.02 -28.28
C LYS A 43 4.21 -5.02 -28.24
N LEU A 44 5.02 -4.00 -28.48
CA LEU A 44 4.66 -2.62 -28.29
C LEU A 44 4.47 -1.93 -29.65
N PRO A 45 3.74 -0.83 -29.69
CA PRO A 45 3.64 -0.07 -30.95
C PRO A 45 5.02 0.24 -31.50
N ASP A 46 5.08 0.43 -32.82
CA ASP A 46 6.34 0.77 -33.47
C ASP A 46 6.98 1.97 -32.79
N GLY A 47 8.30 1.89 -32.61
CA GLY A 47 9.03 2.99 -32.02
C GLY A 47 9.04 3.03 -30.50
N PHE A 48 8.65 1.93 -29.84
CA PHE A 48 8.67 1.83 -28.39
C PHE A 48 9.39 0.54 -27.99
N SER A 49 9.95 0.54 -26.79
CA SER A 49 10.72 -0.60 -26.32
C SER A 49 10.56 -0.75 -24.81
N TRP A 50 10.66 -2.00 -24.35
CA TRP A 50 10.72 -2.32 -22.94
C TRP A 50 12.13 -2.14 -22.42
N PHE A 51 12.25 -1.93 -21.11
CA PHE A 51 13.56 -2.04 -20.47
C PHE A 51 13.35 -2.30 -18.99
N ASP A 52 14.27 -3.10 -18.43
CA ASP A 52 14.33 -3.28 -16.98
C ASP A 52 14.88 -2.00 -16.37
N CYS A 53 14.08 -1.33 -15.56
CA CYS A 53 14.46 -0.04 -15.01
C CYS A 53 15.53 -0.22 -13.94
N ASN A 54 16.64 0.52 -14.10
CA ASN A 54 17.79 0.38 -13.20
C ASN A 54 17.61 1.30 -12.00
N LEU A 55 16.80 0.84 -11.04
CA LEU A 55 16.64 1.53 -9.77
C LEU A 55 17.64 1.03 -8.72
N TRP A 56 18.70 0.35 -9.15
CA TRP A 56 19.70 -0.18 -8.24
C TRP A 56 20.87 0.77 -8.04
N ASP A 57 21.05 1.74 -8.93
CA ASP A 57 22.00 2.83 -8.76
C ASP A 57 21.20 4.11 -8.72
N ILE A 58 21.18 4.77 -7.56
CA ILE A 58 20.32 5.95 -7.37
C ILE A 58 20.76 7.12 -8.23
N GLU A 59 21.94 7.07 -8.82
CA GLU A 59 22.40 8.10 -9.73
C GLU A 59 22.15 7.74 -11.19
N SER A 60 21.48 6.63 -11.45
CA SER A 60 21.31 6.17 -12.83
C SER A 60 20.37 7.09 -13.59
N GLN A 61 20.55 7.12 -14.91
CA GLN A 61 19.62 7.87 -15.75
C GLN A 61 18.22 7.27 -15.69
N ASP A 62 18.13 5.94 -15.59
CA ASP A 62 16.84 5.29 -15.46
C ASP A 62 16.09 5.80 -14.23
N PHE A 63 16.82 6.02 -13.13
CA PHE A 63 16.18 6.52 -11.92
C PHE A 63 15.71 7.96 -12.12
N GLU A 64 16.51 8.78 -12.79
CA GLU A 64 16.10 10.15 -13.06
C GLU A 64 14.88 10.18 -13.98
N ASP A 65 14.88 9.35 -15.03
CA ASP A 65 13.73 9.31 -15.93
C ASP A 65 12.47 8.87 -15.19
N THR A 66 12.59 7.83 -14.37
CA THR A 66 11.43 7.33 -13.62
C THR A 66 10.92 8.39 -12.64
N TYR A 67 11.83 9.01 -11.89
CA TYR A 67 11.43 10.07 -10.97
C TYR A 67 10.69 11.18 -11.69
N GLN A 68 11.19 11.60 -12.85
CA GLN A 68 10.55 12.71 -13.57
C GLN A 68 9.20 12.29 -14.13
N LEU A 69 9.11 11.08 -14.69
CA LEU A 69 7.83 10.58 -15.18
C LEU A 69 6.76 10.63 -14.11
N LEU A 70 7.08 10.09 -12.92
CA LEU A 70 6.08 10.01 -11.87
C LEU A 70 5.76 11.38 -11.29
N LYS A 71 6.74 12.29 -11.26
N LYS A 71 6.74 12.29 -11.26
CA LYS A 71 6.52 13.61 -10.70
CA LYS A 71 6.51 13.61 -10.69
C LYS A 71 5.45 14.37 -11.48
C LYS A 71 5.48 14.39 -11.48
N ASP A 72 5.43 14.20 -12.80
CA ASP A 72 4.53 14.95 -13.67
C ASP A 72 3.34 14.16 -14.16
N HIS A 73 3.31 12.84 -13.99
CA HIS A 73 2.28 12.03 -14.61
C HIS A 73 1.63 11.01 -13.70
N TYR A 74 2.02 10.93 -12.43
CA TYR A 74 1.45 9.91 -11.56
C TYR A 74 0.18 10.41 -10.88
N VAL A 75 -0.16 9.85 -9.71
CA VAL A 75 -1.51 9.97 -9.18
C VAL A 75 -1.80 11.38 -8.70
N GLU A 76 -2.98 11.88 -9.04
CA GLU A 76 -3.51 13.13 -8.53
C GLU A 76 -4.78 12.86 -7.74
N ASP A 77 -5.11 13.77 -6.83
CA ASP A 77 -6.38 13.67 -6.14
C ASP A 77 -7.52 13.88 -7.13
N ASP A 78 -8.72 13.48 -6.72
CA ASP A 78 -9.87 13.50 -7.63
C ASP A 78 -10.21 14.90 -8.12
N ASP A 79 -9.74 15.94 -7.43
CA ASP A 79 -10.00 17.31 -7.83
C ASP A 79 -8.82 17.96 -8.53
N SER A 80 -7.77 17.19 -8.83
CA SER A 80 -6.62 17.69 -9.59
C SER A 80 -6.00 18.91 -8.94
N GLN A 81 -5.91 18.89 -7.61
CA GLN A 81 -5.24 19.95 -6.87
C GLN A 81 -3.84 19.57 -6.41
N PHE A 82 -3.59 18.28 -6.16
CA PHE A 82 -2.32 17.81 -5.64
C PHE A 82 -1.89 16.58 -6.42
N ARG A 83 -0.58 16.46 -6.64
CA ARG A 83 0.00 15.31 -7.30
C ARG A 83 1.17 14.78 -6.47
N PHE A 84 1.33 13.46 -6.49
CA PHE A 84 2.38 12.86 -5.68
C PHE A 84 3.75 13.13 -6.29
N ASN A 85 4.74 13.34 -5.41
CA ASN A 85 6.11 13.68 -5.80
C ASN A 85 7.05 12.71 -5.07
N TYR A 86 6.97 11.43 -5.44
CA TYR A 86 7.80 10.41 -4.83
C TYR A 86 9.28 10.72 -5.02
N SER A 87 10.03 10.73 -3.92
CA SER A 87 11.45 10.96 -4.01
C SER A 87 12.16 9.68 -4.44
N LYS A 88 13.39 9.85 -4.92
CA LYS A 88 14.19 8.70 -5.32
C LYS A 88 14.50 7.82 -4.11
N GLU A 89 14.74 8.43 -2.95
CA GLU A 89 15.00 7.64 -1.76
C GLU A 89 13.78 6.82 -1.35
N PHE A 90 12.57 7.35 -1.56
CA PHE A 90 11.38 6.59 -1.26
C PHE A 90 11.20 5.42 -2.22
N LEU A 91 11.35 5.69 -3.52
CA LEU A 91 11.16 4.65 -4.52
C LEU A 91 12.14 3.49 -4.31
N ARG A 92 13.37 3.80 -3.91
CA ARG A 92 14.34 2.73 -3.64
C ARG A 92 13.89 1.88 -2.46
N TRP A 93 13.44 2.51 -1.38
CA TRP A 93 12.94 1.78 -0.22
C TRP A 93 11.71 0.97 -0.55
N ALA A 94 10.86 1.47 -1.45
CA ALA A 94 9.59 0.83 -1.74
C ALA A 94 9.67 -0.24 -2.83
N LEU A 95 10.69 -0.21 -3.67
CA LEU A 95 10.80 -1.15 -4.78
C LEU A 95 11.99 -2.09 -4.69
N CYS A 96 13.10 -1.67 -4.10
CA CYS A 96 14.27 -2.54 -3.92
C CYS A 96 14.15 -3.27 -2.58
N VAL A 97 13.18 -4.17 -2.53
CA VAL A 97 12.87 -4.91 -1.30
C VAL A 97 13.57 -6.27 -1.34
N PRO A 98 13.67 -6.96 -0.21
CA PRO A 98 14.28 -8.30 -0.22
C PRO A 98 13.55 -9.24 -1.18
N GLY A 99 14.34 -10.00 -1.93
CA GLY A 99 13.80 -10.92 -2.91
C GLY A 99 13.36 -10.29 -4.22
N GLN A 100 13.54 -8.98 -4.39
CA GLN A 100 13.08 -8.30 -5.59
C GLN A 100 13.84 -8.80 -6.82
N LYS A 101 13.17 -8.78 -7.97
CA LYS A 101 13.74 -9.21 -9.24
C LYS A 101 13.98 -7.99 -10.12
N LYS A 102 15.13 -7.99 -10.81
CA LYS A 102 15.49 -6.84 -11.63
C LYS A 102 14.54 -6.62 -12.79
N ASN A 103 13.83 -7.65 -13.24
CA ASN A 103 12.90 -7.51 -14.34
C ASN A 103 11.47 -7.22 -13.91
N TRP A 104 11.22 -7.06 -12.61
CA TRP A 104 9.92 -6.64 -12.12
C TRP A 104 9.75 -5.13 -12.11
N LEU A 105 10.75 -4.39 -12.57
CA LEU A 105 10.70 -2.93 -12.70
C LEU A 105 10.73 -2.63 -14.20
N VAL A 106 9.57 -2.37 -14.79
CA VAL A 106 9.40 -2.36 -16.24
C VAL A 106 9.13 -0.93 -16.70
N GLY A 107 9.97 -0.46 -17.62
CA GLY A 107 9.77 0.83 -18.23
C GLY A 107 9.49 0.73 -19.72
N VAL A 108 8.84 1.74 -20.28
CA VAL A 108 8.61 1.86 -21.71
C VAL A 108 9.29 3.13 -22.19
N ARG A 109 9.98 3.03 -23.33
CA ARG A 109 10.85 4.10 -23.81
C ARG A 109 10.59 4.34 -25.29
N VAL A 110 10.61 5.61 -25.68
CA VAL A 110 10.59 5.99 -27.09
C VAL A 110 11.99 5.80 -27.66
N ASN A 111 12.08 5.06 -28.77
CA ASN A 111 13.39 4.68 -29.29
C ASN A 111 14.15 5.87 -29.83
N GLU A 112 13.48 6.76 -30.58
CA GLU A 112 14.20 7.84 -31.24
C GLU A 112 14.75 8.86 -30.25
N THR A 113 14.08 9.07 -29.11
CA THR A 113 14.45 10.12 -28.18
C THR A 113 14.92 9.59 -26.82
N LYS A 114 14.71 8.31 -26.54
CA LYS A 114 15.03 7.72 -25.24
C LYS A 114 14.17 8.27 -24.11
N LYS A 115 13.07 8.93 -24.45
N LYS A 115 13.06 8.92 -24.45
CA LYS A 115 12.15 9.45 -23.45
CA LYS A 115 12.17 9.47 -23.43
C LYS A 115 11.36 8.31 -22.83
C LYS A 115 11.32 8.35 -22.83
N MET A 116 11.30 8.28 -21.49
CA MET A 116 10.55 7.26 -20.78
C MET A 116 9.10 7.72 -20.64
N VAL A 117 8.17 6.93 -21.16
CA VAL A 117 6.77 7.31 -21.24
C VAL A 117 5.85 6.37 -20.47
N GLY A 118 6.39 5.30 -19.88
CA GLY A 118 5.56 4.37 -19.15
C GLY A 118 6.36 3.64 -18.10
N PHE A 119 5.64 3.11 -17.11
CA PHE A 119 6.26 2.38 -16.01
C PHE A 119 5.22 1.50 -15.34
N ILE A 120 5.68 0.35 -14.85
CA ILE A 120 4.89 -0.51 -13.98
C ILE A 120 5.86 -1.36 -13.18
N SER A 121 5.50 -1.64 -11.93
CA SER A 121 6.37 -2.35 -11.02
C SER A 121 5.58 -3.39 -10.24
N ALA A 122 6.29 -4.38 -9.74
CA ALA A 122 5.77 -5.32 -8.76
C ALA A 122 6.88 -5.58 -7.75
N ILE A 123 6.46 -5.84 -6.50
CA ILE A 123 7.40 -6.30 -5.48
C ILE A 123 6.92 -7.65 -4.94
N PRO A 124 7.81 -8.52 -4.50
CA PRO A 124 7.37 -9.75 -3.84
C PRO A 124 7.03 -9.49 -2.38
N ILE A 125 5.97 -10.14 -1.91
CA ILE A 125 5.60 -10.13 -0.51
C ILE A 125 5.04 -11.50 -0.14
N LYS A 126 4.90 -11.72 1.16
CA LYS A 126 4.22 -12.89 1.69
C LYS A 126 2.89 -12.44 2.30
N VAL A 127 1.84 -13.20 2.05
CA VAL A 127 0.53 -12.88 2.59
C VAL A 127 -0.09 -14.13 3.20
N ARG A 128 -0.90 -13.92 4.22
CA ARG A 128 -1.89 -14.90 4.64
C ARG A 128 -3.25 -14.41 4.15
N ILE A 129 -3.98 -15.29 3.47
CA ILE A 129 -5.37 -15.07 3.12
C ILE A 129 -6.15 -16.22 3.75
N HIS A 130 -6.84 -15.94 4.85
CA HIS A 130 -7.65 -16.93 5.55
C HIS A 130 -6.74 -18.11 5.88
N ASN A 131 -7.03 -19.33 5.41
CA ASN A 131 -6.31 -20.53 5.81
C ASN A 131 -5.14 -20.86 4.90
N CYS A 132 -4.75 -19.93 4.02
CA CYS A 132 -3.64 -20.13 3.11
C CYS A 132 -2.57 -19.05 3.32
N ILE A 133 -1.33 -19.42 3.01
CA ILE A 133 -0.19 -18.51 3.04
C ILE A 133 0.56 -18.70 1.74
N MET A 134 1.15 -17.62 1.22
CA MET A 134 1.75 -17.72 -0.10
C MET A 134 2.76 -16.59 -0.30
N ASN A 135 3.66 -16.82 -1.26
CA ASN A 135 4.46 -15.77 -1.87
C ASN A 135 3.64 -15.16 -3.00
N THR A 136 3.40 -13.86 -2.94
CA THR A 136 2.60 -13.21 -3.96
C THR A 136 3.28 -11.93 -4.41
N SER A 137 2.55 -11.07 -5.13
CA SER A 137 3.10 -9.85 -5.66
C SER A 137 2.18 -8.69 -5.32
N VAL A 138 2.73 -7.48 -5.41
CA VAL A 138 1.96 -6.25 -5.30
C VAL A 138 2.37 -5.37 -6.47
N VAL A 139 1.39 -5.01 -7.30
CA VAL A 139 1.63 -4.13 -8.44
C VAL A 139 1.37 -2.69 -8.01
N ASN A 140 2.26 -1.79 -8.42
CA ASN A 140 2.17 -0.40 -8.00
C ASN A 140 2.94 0.46 -9.00
N PHE A 141 2.69 1.77 -8.92
CA PHE A 141 3.41 2.77 -9.72
C PHE A 141 3.18 2.60 -11.21
N LEU A 142 2.03 2.01 -11.57
CA LEU A 142 1.61 2.02 -12.96
C LEU A 142 1.43 3.47 -13.40
N CYS A 143 2.11 3.84 -14.49
CA CYS A 143 2.07 5.23 -14.94
C CYS A 143 2.30 5.27 -16.45
N VAL A 144 1.43 5.99 -17.16
CA VAL A 144 1.61 6.27 -18.58
C VAL A 144 1.64 7.78 -18.78
N HIS A 145 2.55 8.23 -19.64
CA HIS A 145 2.64 9.64 -19.97
C HIS A 145 1.27 10.20 -20.34
N LYS A 146 0.98 11.42 -19.88
CA LYS A 146 -0.33 12.02 -20.06
C LYS A 146 -0.73 12.09 -21.54
N LYS A 147 0.22 12.36 -22.42
CA LYS A 147 -0.10 12.49 -23.84
C LYS A 147 -0.33 11.16 -24.53
N LEU A 148 -0.05 10.03 -23.87
CA LEU A 148 -0.30 8.71 -24.43
C LEU A 148 -1.49 8.01 -23.76
N ARG A 149 -2.33 8.76 -23.06
CA ARG A 149 -3.44 8.16 -22.33
C ARG A 149 -4.56 7.75 -23.28
N SER A 150 -5.39 6.82 -22.82
CA SER A 150 -6.60 6.39 -23.55
C SER A 150 -6.27 5.76 -24.89
N LYS A 151 -5.09 5.15 -24.99
CA LYS A 151 -4.67 4.42 -26.18
C LYS A 151 -4.42 2.94 -25.90
N ARG A 152 -5.04 2.41 -24.84
CA ARG A 152 -4.95 0.99 -24.50
C ARG A 152 -3.51 0.55 -24.24
N LEU A 153 -2.69 1.45 -23.70
CA LEU A 153 -1.34 1.08 -23.33
C LEU A 153 -1.30 0.40 -21.96
N ALA A 154 -2.17 0.82 -21.05
CA ALA A 154 -2.15 0.26 -19.71
C ALA A 154 -2.34 -1.25 -19.71
N PRO A 155 -3.28 -1.83 -20.47
CA PRO A 155 -3.38 -3.30 -20.50
C PRO A 155 -2.10 -3.98 -20.98
N VAL A 156 -1.35 -3.34 -21.88
CA VAL A 156 -0.10 -3.94 -22.36
C VAL A 156 0.90 -4.03 -21.21
N LEU A 157 1.06 -2.94 -20.46
CA LEU A 157 1.97 -2.97 -19.32
C LEU A 157 1.51 -3.97 -18.26
N ILE A 158 0.20 -4.10 -18.07
CA ILE A 158 -0.31 -5.06 -17.10
C ILE A 158 -0.04 -6.49 -17.56
N LYS A 159 -0.35 -6.79 -18.83
CA LYS A 159 -0.06 -8.11 -19.36
C LYS A 159 1.42 -8.43 -19.26
N GLU A 160 2.28 -7.43 -19.49
CA GLU A 160 3.73 -7.67 -19.48
C GLU A 160 4.22 -8.01 -18.09
N ILE A 161 3.86 -7.20 -17.08
CA ILE A 161 4.29 -7.50 -15.72
C ILE A 161 3.69 -8.81 -15.25
N THR A 162 2.47 -9.15 -15.70
CA THR A 162 1.90 -10.45 -15.36
C THR A 162 2.76 -11.59 -15.90
N ARG A 163 3.22 -11.47 -17.14
CA ARG A 163 4.09 -12.49 -17.72
C ARG A 163 5.36 -12.66 -16.90
N ARG A 164 5.97 -11.56 -16.49
CA ARG A 164 7.22 -11.62 -15.74
C ARG A 164 7.01 -12.20 -14.35
N ILE A 165 5.87 -11.90 -13.73
CA ILE A 165 5.57 -12.45 -12.41
C ILE A 165 5.29 -13.94 -12.51
N ARG A 166 4.50 -14.36 -13.51
CA ARG A 166 4.20 -15.79 -13.67
C ARG A 166 5.45 -16.60 -13.97
N CYS A 167 6.42 -16.03 -14.69
CA CYS A 167 7.66 -16.73 -14.96
C CYS A 167 8.45 -17.03 -13.68
N GLU A 168 8.11 -16.38 -12.58
CA GLU A 168 8.65 -16.72 -11.27
C GLU A 168 7.72 -17.63 -10.47
N LYS A 169 6.76 -18.26 -11.14
CA LYS A 169 5.82 -19.20 -10.52
C LYS A 169 4.99 -18.52 -9.44
N ILE A 170 4.65 -17.26 -9.67
CA ILE A 170 3.72 -16.51 -8.83
C ILE A 170 2.51 -16.17 -9.69
N PHE A 171 1.31 -16.49 -9.19
CA PHE A 171 0.10 -16.39 -10.00
C PHE A 171 -1.00 -15.57 -9.37
N GLN A 172 -0.73 -14.89 -8.25
CA GLN A 172 -1.66 -13.93 -7.68
C GLN A 172 -0.98 -12.58 -7.51
N SER A 173 -1.78 -11.56 -7.24
CA SER A 173 -1.26 -10.22 -7.04
C SER A 173 -2.29 -9.40 -6.28
N ILE A 174 -1.81 -8.36 -5.62
CA ILE A 174 -2.64 -7.42 -4.88
C ILE A 174 -2.36 -6.02 -5.40
N TYR A 175 -3.42 -5.22 -5.54
CA TYR A 175 -3.28 -3.88 -6.10
C TYR A 175 -4.49 -3.06 -5.70
N THR A 176 -4.26 -1.75 -5.55
CA THR A 176 -5.26 -0.80 -5.11
C THR A 176 -5.52 0.23 -6.20
N CYS A 177 -6.69 0.85 -6.14
CA CYS A 177 -7.09 1.85 -7.11
C CYS A 177 -8.09 2.81 -6.46
N GLY A 178 -8.02 4.07 -6.90
CA GLY A 178 -8.97 5.07 -6.42
C GLY A 178 -10.36 4.94 -7.00
N LYS A 179 -10.50 4.27 -8.13
CA LYS A 179 -11.79 4.08 -8.80
C LYS A 179 -12.19 2.60 -8.76
N ASN A 180 -13.45 2.35 -9.08
CA ASN A 180 -13.94 0.99 -9.20
C ASN A 180 -13.57 0.44 -10.57
N ILE A 181 -12.84 -0.68 -10.59
CA ILE A 181 -12.49 -1.36 -11.83
C ILE A 181 -13.39 -2.60 -11.95
N THR A 182 -12.97 -3.69 -11.32
CA THR A 182 -13.82 -4.85 -11.10
C THR A 182 -14.38 -4.77 -9.67
N LYS A 183 -14.89 -5.87 -9.16
CA LYS A 183 -15.38 -5.88 -7.78
C LYS A 183 -14.20 -5.89 -6.83
N PRO A 184 -14.06 -4.90 -5.94
CA PRO A 184 -13.00 -4.95 -4.93
C PRO A 184 -13.47 -5.70 -3.68
N PHE A 185 -12.53 -6.37 -3.02
CA PHE A 185 -12.93 -7.10 -1.83
C PHE A 185 -13.10 -6.19 -0.61
N THR A 186 -12.62 -4.95 -0.66
CA THR A 186 -12.97 -3.98 0.37
C THR A 186 -12.66 -2.59 -0.16
N ILE A 187 -13.26 -1.59 0.50
CA ILE A 187 -13.07 -0.19 0.17
C ILE A 187 -12.64 0.52 1.44
N GLY A 188 -11.46 1.13 1.41
CA GLY A 188 -10.94 1.89 2.54
C GLY A 188 -11.23 3.37 2.39
N THR A 189 -11.55 4.01 3.51
CA THR A 189 -11.72 5.45 3.58
C THR A 189 -10.52 6.04 4.31
N TYR A 190 -9.92 7.08 3.74
CA TYR A 190 -8.80 7.73 4.41
C TYR A 190 -9.25 9.04 5.06
N TRP A 191 -8.52 9.42 6.11
CA TRP A 191 -8.80 10.57 6.93
C TRP A 191 -7.52 11.37 7.13
N HIS A 192 -7.69 12.68 7.35
CA HIS A 192 -6.56 13.60 7.51
C HIS A 192 -6.56 14.19 8.90
N ARG A 193 -5.40 14.18 9.55
CA ARG A 193 -5.16 14.94 10.76
C ARG A 193 -4.28 16.12 10.39
N ILE A 194 -4.81 17.33 10.55
CA ILE A 194 -4.06 18.54 10.20
C ILE A 194 -3.02 18.80 11.26
N ILE A 195 -1.78 19.04 10.85
CA ILE A 195 -0.68 19.35 11.75
C ILE A 195 -0.19 20.79 11.55
N ASN A 196 0.19 21.12 10.32
CA ASN A 196 0.65 22.47 9.96
C ASN A 196 -0.52 23.19 9.31
N VAL A 197 -1.27 23.95 10.11
CA VAL A 197 -2.47 24.63 9.62
C VAL A 197 -2.09 25.67 8.56
N LYS A 198 -1.08 26.50 8.87
CA LYS A 198 -0.70 27.58 7.97
C LYS A 198 -0.36 27.06 6.58
N LYS A 199 0.52 26.05 6.51
CA LYS A 199 0.90 25.49 5.22
C LYS A 199 -0.31 24.98 4.45
N LEU A 200 -1.13 24.14 5.10
CA LEU A 200 -2.27 23.57 4.40
C LEU A 200 -3.31 24.63 4.04
N LEU A 201 -3.45 25.66 4.89
CA LEU A 201 -4.39 26.73 4.59
C LEU A 201 -3.96 27.50 3.34
N GLU A 202 -2.68 27.81 3.23
CA GLU A 202 -2.18 28.52 2.07
C GLU A 202 -2.07 27.63 0.84
N ALA A 203 -1.93 26.32 1.03
CA ALA A 203 -1.92 25.39 -0.10
C ALA A 203 -3.31 25.19 -0.69
N GLY A 204 -4.37 25.65 -0.03
CA GLY A 204 -5.72 25.43 -0.51
C GLY A 204 -6.35 24.13 -0.04
N PHE A 205 -5.72 23.41 0.89
CA PHE A 205 -6.24 22.12 1.33
C PHE A 205 -7.41 22.29 2.29
N ILE A 206 -7.34 23.28 3.17
CA ILE A 206 -8.39 23.56 4.13
C ILE A 206 -8.78 25.03 4.04
N GLY A 207 -10.02 25.32 4.42
CA GLY A 207 -10.50 26.68 4.53
C GLY A 207 -10.62 27.13 5.99
N ILE A 208 -11.33 28.23 6.18
CA ILE A 208 -11.55 28.80 7.50
C ILE A 208 -13.06 28.78 7.77
N PRO A 209 -13.54 28.10 8.81
CA PRO A 209 -14.97 28.16 9.11
C PRO A 209 -15.37 29.54 9.61
N ARG A 210 -16.67 29.83 9.53
N ARG A 210 -16.67 29.81 9.55
CA ARG A 210 -17.16 31.13 9.95
CA ARG A 210 -17.22 31.07 10.03
C ARG A 210 -16.81 31.41 11.40
C ARG A 210 -16.72 31.38 11.43
N ASN A 211 -16.44 32.66 11.68
CA ASN A 211 -16.10 33.16 13.01
C ASN A 211 -14.80 32.60 13.56
N MET A 212 -13.96 32.01 12.71
CA MET A 212 -12.66 31.53 13.13
C MET A 212 -11.56 32.23 12.34
N THR A 213 -10.33 32.02 12.79
CA THR A 213 -9.14 32.58 12.14
C THR A 213 -8.07 31.50 12.12
N MET A 214 -6.95 31.81 11.46
CA MET A 214 -5.82 30.89 11.47
C MET A 214 -5.36 30.62 12.91
N SER A 215 -5.39 31.65 13.76
N SER A 215 -5.40 31.65 13.76
CA SER A 215 -4.99 31.49 15.15
CA SER A 215 -4.98 31.48 15.15
C SER A 215 -5.87 30.46 15.86
C SER A 215 -5.87 30.46 15.86
N SER A 216 -7.18 30.69 15.86
CA SER A 216 -8.09 29.76 16.54
C SER A 216 -8.06 28.38 15.88
N LEU A 217 -7.73 28.32 14.58
CA LEU A 217 -7.61 27.04 13.91
C LEU A 217 -6.35 26.31 14.35
N ILE A 218 -5.23 27.03 14.45
CA ILE A 218 -4.00 26.44 14.97
C ILE A 218 -4.25 25.89 16.38
N LYS A 219 -4.99 26.64 17.20
CA LYS A 219 -5.27 26.21 18.56
C LYS A 219 -6.12 24.95 18.58
N TYR A 220 -7.03 24.81 17.61
CA TYR A 220 -7.97 23.69 17.61
C TYR A 220 -7.32 22.41 17.11
N HIS A 221 -6.50 22.49 16.07
CA HIS A 221 -5.82 21.31 15.54
C HIS A 221 -4.54 20.98 16.31
N ARG A 222 -4.31 21.64 17.44
CA ARG A 222 -3.12 21.38 18.24
C ARG A 222 -3.02 19.90 18.60
N ILE A 223 -1.81 19.39 18.66
CA ILE A 223 -1.55 18.02 19.11
C ILE A 223 -1.33 18.05 20.62
N PRO A 224 -2.14 17.35 21.41
CA PRO A 224 -1.94 17.40 22.87
C PRO A 224 -0.63 16.77 23.29
N ALA A 225 -0.06 17.32 24.36
CA ALA A 225 1.18 16.80 24.92
C ALA A 225 1.13 16.71 26.44
N ASP A 226 -0.07 16.63 27.02
CA ASP A 226 -0.24 16.65 28.47
C ASP A 226 -0.29 15.26 29.11
N LYS A 227 -0.27 14.19 28.31
CA LYS A 227 -0.21 12.84 28.87
C LYS A 227 0.73 11.98 28.01
N ARG A 228 2.00 12.38 27.97
CA ARG A 228 3.00 11.66 27.20
C ARG A 228 3.19 10.25 27.74
N ILE A 229 3.56 9.34 26.84
CA ILE A 229 3.84 7.94 27.17
C ILE A 229 5.33 7.71 26.95
N GLU A 230 6.05 7.37 28.01
N GLU A 230 6.04 7.36 28.02
CA GLU A 230 7.49 7.24 27.96
CA GLU A 230 7.48 7.22 27.98
C GLU A 230 7.88 5.85 27.47
C GLU A 230 7.87 5.84 27.46
N GLY A 231 9.09 5.76 26.91
CA GLY A 231 9.63 4.50 26.45
C GLY A 231 9.67 4.33 24.93
N PHE A 232 9.16 5.29 24.17
CA PHE A 232 9.19 5.20 22.71
C PHE A 232 10.51 5.75 22.17
N ARG A 233 11.08 5.04 21.20
CA ARG A 233 12.33 5.45 20.58
C ARG A 233 12.36 4.89 19.16
N PRO A 234 13.17 5.47 18.28
CA PRO A 234 13.30 4.91 16.92
C PRO A 234 13.84 3.48 16.95
N SER A 235 13.34 2.66 16.03
CA SER A 235 13.81 1.29 15.91
C SER A 235 15.21 1.26 15.29
N VAL A 236 15.92 0.17 15.57
CA VAL A 236 17.23 -0.11 15.00
C VAL A 236 17.25 -1.56 14.54
N ASP A 237 18.32 -1.94 13.82
CA ASP A 237 18.39 -3.26 13.22
C ASP A 237 18.32 -4.35 14.28
N SER A 238 18.91 -4.12 15.46
CA SER A 238 18.91 -5.15 16.50
C SER A 238 17.53 -5.39 17.07
N ASP A 239 16.54 -4.53 16.77
CA ASP A 239 15.15 -4.78 17.15
C ASP A 239 14.44 -5.75 16.22
N ALA A 240 15.07 -6.15 15.11
CA ALA A 240 14.35 -6.85 14.05
C ALA A 240 13.68 -8.12 14.57
N GLU A 241 14.45 -8.99 15.24
CA GLU A 241 13.87 -10.27 15.67
C GLU A 241 12.70 -10.06 16.61
N GLN A 242 12.79 -9.07 17.50
CA GLN A 242 11.69 -8.81 18.43
C GLN A 242 10.51 -8.12 17.76
N ILE A 243 10.76 -7.30 16.75
CA ILE A 243 9.66 -6.73 15.98
C ILE A 243 8.97 -7.81 15.17
N CYS A 244 9.72 -8.80 14.68
CA CYS A 244 9.13 -9.93 13.98
C CYS A 244 8.17 -10.69 14.90
N LYS A 245 8.59 -10.97 16.13
CA LYS A 245 7.71 -11.66 17.08
C LYS A 245 6.54 -10.78 17.50
N LEU A 246 6.73 -9.46 17.57
CA LEU A 246 5.62 -8.57 17.90
C LEU A 246 4.53 -8.65 16.85
N PHE A 247 4.90 -8.69 15.56
CA PHE A 247 3.91 -8.82 14.50
C PHE A 247 3.24 -10.18 14.51
N GLU A 248 4.03 -11.25 14.69
CA GLU A 248 3.45 -12.59 14.74
C GLU A 248 2.43 -12.70 15.86
N ASN A 249 2.78 -12.22 17.05
CA ASN A 249 1.84 -12.22 18.16
C ASN A 249 0.60 -11.40 17.82
N TYR A 250 0.79 -10.28 17.14
CA TYR A 250 -0.34 -9.41 16.78
C TYR A 250 -1.28 -10.11 15.81
N PHE A 251 -0.72 -10.69 14.75
CA PHE A 251 -1.56 -11.38 13.78
C PHE A 251 -2.15 -12.66 14.34
N MET A 252 -1.45 -13.32 15.28
CA MET A 252 -2.04 -14.47 15.94
C MET A 252 -3.26 -14.08 16.76
N LYS A 253 -3.20 -12.92 17.43
CA LYS A 253 -4.30 -12.46 18.26
C LYS A 253 -5.53 -12.10 17.43
N TYR A 254 -5.33 -11.52 16.26
CA TYR A 254 -6.42 -11.05 15.42
C TYR A 254 -6.76 -12.00 14.27
N LYS A 255 -6.29 -13.25 14.34
CA LYS A 255 -6.54 -14.18 13.25
C LYS A 255 -8.03 -14.48 13.12
N ASP A 256 -8.44 -14.82 11.90
CA ASP A 256 -9.82 -15.18 11.61
C ASP A 256 -9.99 -16.67 11.37
N VAL A 257 -8.99 -17.48 11.73
CA VAL A 257 -9.06 -18.92 11.65
C VAL A 257 -8.77 -19.48 13.04
N SER A 258 -9.08 -20.76 13.21
CA SER A 258 -8.84 -21.43 14.48
C SER A 258 -7.34 -21.56 14.74
N ASN A 259 -7.00 -21.82 16.00
CA ASN A 259 -5.59 -22.03 16.35
C ASN A 259 -5.02 -23.22 15.59
N GLU A 260 -5.84 -24.25 15.37
CA GLU A 260 -5.37 -25.42 14.62
C GLU A 260 -5.07 -25.05 13.17
N THR A 261 -5.94 -24.24 12.55
CA THR A 261 -5.69 -23.83 11.17
C THR A 261 -4.47 -22.92 11.07
N MET A 262 -4.27 -22.06 12.06
CA MET A 262 -3.13 -21.13 12.00
C MET A 262 -1.80 -21.87 12.03
N ASN A 263 -1.77 -23.07 12.63
CA ASN A 263 -0.54 -23.85 12.70
C ASN A 263 -0.34 -24.78 11.53
N ASN A 264 -1.35 -24.92 10.65
CA ASN A 264 -1.28 -25.80 9.49
C ASN A 264 -1.80 -25.08 8.24
N LEU A 265 -1.34 -23.84 8.05
CA LEU A 265 -1.78 -23.07 6.90
C LEU A 265 -1.42 -23.77 5.61
N ILE A 266 -2.28 -23.62 4.60
CA ILE A 266 -2.04 -24.20 3.29
C ILE A 266 -1.04 -23.31 2.56
N ASN A 267 0.14 -23.85 2.26
CA ASN A 267 1.16 -23.13 1.51
C ASN A 267 0.86 -23.30 0.03
N TYR A 268 0.26 -22.26 -0.57
CA TYR A 268 -0.16 -22.37 -1.96
C TYR A 268 1.03 -22.54 -2.90
N ASP A 269 2.22 -22.07 -2.50
CA ASP A 269 3.41 -22.21 -3.34
C ASP A 269 3.71 -23.67 -3.64
N GLU A 270 3.26 -24.59 -2.79
CA GLU A 270 3.55 -26.01 -2.97
C GLU A 270 2.48 -26.76 -3.74
N ILE A 271 1.42 -26.09 -4.21
CA ILE A 271 0.34 -26.80 -4.88
C ILE A 271 -0.17 -26.03 -6.09
N ASN A 272 0.44 -24.88 -6.38
CA ASN A 272 0.06 -24.11 -7.56
C ASN A 272 0.65 -24.67 -8.85
N HIS A 273 1.52 -25.67 -8.76
CA HIS A 273 2.08 -26.32 -9.94
C HIS A 273 1.12 -27.32 -10.57
N SER A 274 -0.04 -27.57 -9.97
CA SER A 274 -0.99 -28.55 -10.48
C SER A 274 -2.40 -28.04 -10.32
N LYS A 275 -3.23 -28.29 -11.33
CA LYS A 275 -4.61 -27.87 -11.27
C LYS A 275 -5.38 -28.65 -10.21
N GLU A 276 -5.14 -29.95 -10.11
CA GLU A 276 -5.83 -30.75 -9.10
C GLU A 276 -5.37 -30.39 -7.69
N LEU A 277 -4.06 -30.24 -7.49
CA LEU A 277 -3.56 -29.96 -6.14
C LEU A 277 -3.93 -28.56 -5.69
N GLY A 278 -3.95 -27.59 -6.60
CA GLY A 278 -4.26 -26.22 -6.23
C GLY A 278 -5.67 -26.04 -5.71
N LYS A 279 -6.59 -26.94 -6.05
CA LYS A 279 -7.95 -26.84 -5.55
C LYS A 279 -8.07 -27.11 -4.06
N GLN A 280 -7.03 -27.67 -3.43
CA GLN A 280 -7.01 -27.80 -1.97
C GLN A 280 -7.02 -26.46 -1.27
N ALA A 281 -6.78 -25.36 -1.98
CA ALA A 281 -6.88 -24.03 -1.40
C ALA A 281 -8.31 -23.52 -1.38
N TYR A 282 -9.25 -24.18 -2.07
N TYR A 282 -9.24 -24.19 -2.05
CA TYR A 282 -10.65 -23.80 -1.96
CA TYR A 282 -10.63 -23.81 -1.95
C TYR A 282 -11.10 -23.92 -0.51
C TYR A 282 -11.11 -23.92 -0.50
N MET A 283 -11.80 -22.89 -0.04
CA MET A 283 -12.34 -22.89 1.32
C MET A 283 -13.66 -22.14 1.34
N LYS A 284 -14.73 -22.81 1.73
CA LYS A 284 -16.02 -22.18 1.91
C LYS A 284 -16.16 -21.71 3.35
N LEU A 285 -16.76 -20.53 3.52
CA LEU A 285 -17.07 -19.97 4.82
C LEU A 285 -18.59 -19.93 4.97
N ASP A 286 -19.11 -20.58 6.01
CA ASP A 286 -20.55 -20.67 6.17
C ASP A 286 -21.13 -19.34 6.68
N LYS A 287 -20.43 -18.68 7.60
CA LYS A 287 -20.90 -17.44 8.20
C LYS A 287 -19.86 -16.35 7.99
N ILE A 288 -20.21 -15.33 7.22
CA ILE A 288 -19.32 -14.18 7.07
C ILE A 288 -19.13 -13.49 8.41
N GLU A 289 -20.10 -13.63 9.32
CA GLU A 289 -20.03 -12.99 10.63
C GLU A 289 -18.86 -13.52 11.47
N ASP A 290 -18.29 -14.67 11.11
CA ASP A 290 -17.14 -15.19 11.84
C ASP A 290 -15.89 -14.33 11.71
N LEU A 291 -15.88 -13.36 10.80
CA LEU A 291 -14.71 -12.52 10.59
C LEU A 291 -14.77 -11.21 11.36
N GLN A 292 -15.82 -10.99 12.15
CA GLN A 292 -16.01 -9.72 12.85
C GLN A 292 -14.79 -9.37 13.69
N ASP A 293 -14.23 -8.18 13.44
CA ASP A 293 -13.14 -7.63 14.26
C ASP A 293 -11.88 -8.48 14.18
N LYS A 294 -11.70 -9.21 13.08
CA LYS A 294 -10.54 -10.07 12.89
C LYS A 294 -9.88 -9.70 11.57
N ILE A 295 -8.60 -10.06 11.45
CA ILE A 295 -7.85 -9.84 10.22
C ILE A 295 -7.95 -11.09 9.36
N THR A 296 -8.34 -10.90 8.10
CA THR A 296 -8.50 -11.99 7.14
C THR A 296 -7.38 -12.07 6.13
N ILE A 297 -6.79 -10.94 5.76
CA ILE A 297 -5.71 -10.89 4.78
C ILE A 297 -4.71 -9.85 5.26
N HIS A 298 -3.45 -10.26 5.36
CA HIS A 298 -2.41 -9.37 5.87
C HIS A 298 -1.07 -9.83 5.33
N GLN A 299 -0.15 -8.89 5.22
CA GLN A 299 1.22 -9.19 4.87
C GLN A 299 1.89 -9.96 6.01
N CYS A 300 2.85 -10.80 5.66
CA CYS A 300 3.69 -11.51 6.62
C CYS A 300 5.11 -11.03 6.49
N PHE A 301 5.82 -10.96 7.63
CA PHE A 301 7.15 -10.40 7.70
C PHE A 301 8.09 -11.39 8.38
N ASN A 302 9.21 -11.70 7.73
CA ASN A 302 10.31 -12.36 8.39
C ASN A 302 11.30 -11.30 8.87
N VAL A 303 12.40 -11.75 9.49
CA VAL A 303 13.33 -10.80 10.10
C VAL A 303 13.98 -9.93 9.05
N GLU A 304 14.27 -10.48 7.87
CA GLU A 304 14.88 -9.69 6.80
C GLU A 304 13.90 -8.63 6.30
N ASP A 305 12.61 -8.96 6.24
CA ASP A 305 11.61 -7.98 5.83
C ASP A 305 11.45 -6.88 6.87
N VAL A 306 11.41 -7.25 8.15
CA VAL A 306 11.31 -6.27 9.22
C VAL A 306 12.47 -5.27 9.15
N LYS A 307 13.68 -5.77 8.92
CA LYS A 307 14.84 -4.89 8.84
C LYS A 307 14.66 -3.85 7.73
N HIS A 308 14.06 -4.25 6.61
CA HIS A 308 13.90 -3.33 5.50
C HIS A 308 12.76 -2.34 5.73
N TYR A 309 11.58 -2.85 6.09
CA TYR A 309 10.39 -2.02 6.12
C TYR A 309 10.30 -1.17 7.39
N PHE A 310 10.60 -1.75 8.53
CA PHE A 310 10.36 -1.08 9.81
C PHE A 310 11.66 -0.51 10.37
N THR A 311 12.27 0.35 9.55
CA THR A 311 13.49 1.05 9.86
C THR A 311 13.19 2.55 9.95
N ASN A 312 14.25 3.35 9.94
CA ASN A 312 14.14 4.80 9.94
C ASN A 312 15.05 5.36 8.87
N ILE A 313 14.45 6.01 7.87
CA ILE A 313 15.17 6.73 6.83
C ILE A 313 14.59 8.14 6.77
N ASP A 314 15.44 9.14 6.90
CA ASP A 314 15.00 10.53 6.90
C ASP A 314 14.11 10.82 5.69
N LYS A 315 12.93 11.37 5.96
CA LYS A 315 11.99 11.81 4.93
C LYS A 315 11.44 10.65 4.09
N VAL A 316 11.41 9.45 4.64
CA VAL A 316 10.94 8.27 3.91
C VAL A 316 10.07 7.40 4.82
N ILE A 317 10.66 6.85 5.88
CA ILE A 317 9.98 5.92 6.76
C ILE A 317 10.40 6.18 8.21
N VAL A 318 9.45 6.12 9.12
CA VAL A 318 9.68 6.34 10.54
C VAL A 318 9.05 5.20 11.30
N THR A 319 9.84 4.54 12.16
CA THR A 319 9.39 3.42 12.97
C THR A 319 9.90 3.61 14.39
N TYR A 320 8.98 3.70 15.35
CA TYR A 320 9.32 3.74 16.76
C TYR A 320 8.77 2.52 17.48
N VAL A 321 9.47 2.11 18.54
CA VAL A 321 9.05 1.00 19.38
C VAL A 321 9.05 1.47 20.82
N ARG A 322 8.17 0.88 21.64
CA ARG A 322 8.19 1.09 23.07
C ARG A 322 8.82 -0.12 23.74
N GLU A 323 9.69 0.16 24.72
CA GLU A 323 10.37 -0.87 25.51
C GLU A 323 9.83 -0.90 26.93
N ASN A 324 10.11 -2.01 27.61
CA ASN A 324 9.97 -2.11 29.05
C ASN A 324 11.37 -2.00 29.67
N LYS A 325 11.46 -2.26 30.98
CA LYS A 325 12.76 -2.18 31.65
C LYS A 325 13.75 -3.17 31.05
N ASN A 326 13.27 -4.35 30.67
CA ASN A 326 14.13 -5.42 30.20
C ASN A 326 14.53 -5.26 28.73
N LYS A 327 14.22 -4.12 28.12
CA LYS A 327 14.53 -3.86 26.71
C LYS A 327 13.68 -4.71 25.77
N GLU A 328 12.60 -5.29 26.25
CA GLU A 328 11.68 -6.03 25.39
C GLU A 328 10.69 -5.05 24.76
N ILE A 329 10.42 -5.26 23.47
CA ILE A 329 9.55 -4.37 22.71
C ILE A 329 8.10 -4.78 22.94
N THR A 330 7.24 -3.81 23.24
CA THR A 330 5.85 -4.05 23.53
C THR A 330 4.87 -3.29 22.64
N ASP A 331 5.31 -2.20 22.00
CA ASP A 331 4.45 -1.43 21.11
C ASP A 331 5.27 -0.97 19.91
N LEU A 332 4.57 -0.64 18.83
CA LEU A 332 5.23 -0.14 17.63
C LEU A 332 4.28 0.78 16.89
N PHE A 333 4.80 1.90 16.41
CA PHE A 333 4.08 2.74 15.46
C PHE A 333 5.01 3.09 14.31
N SER A 334 4.41 3.28 13.13
CA SER A 334 5.19 3.55 11.93
C SER A 334 4.36 4.33 10.93
N PHE A 335 5.03 5.19 10.18
CA PHE A 335 4.41 5.91 9.09
C PHE A 335 5.50 6.24 8.07
N PHE A 336 5.10 6.29 6.81
CA PHE A 336 6.01 6.72 5.75
C PHE A 336 5.60 8.10 5.27
N ILE A 337 6.48 8.73 4.51
CA ILE A 337 6.37 10.14 4.16
C ILE A 337 6.47 10.27 2.65
N ILE A 338 5.54 11.02 2.05
CA ILE A 338 5.57 11.31 0.63
C ILE A 338 5.28 12.79 0.43
N GLU A 339 6.00 13.42 -0.50
CA GLU A 339 5.77 14.81 -0.87
C GLU A 339 4.64 14.91 -1.87
N SER A 340 3.84 15.98 -1.74
CA SER A 340 2.77 16.27 -2.67
C SER A 340 2.98 17.65 -3.29
N THR A 341 2.97 17.70 -4.61
CA THR A 341 3.09 18.95 -5.35
C THR A 341 1.73 19.62 -5.47
N VAL A 342 1.72 20.95 -5.33
CA VAL A 342 0.51 21.75 -5.54
C VAL A 342 0.42 22.10 -7.02
N ILE A 343 -0.62 21.59 -7.69
CA ILE A 343 -0.64 21.57 -9.15
C ILE A 343 -0.74 22.97 -9.72
N ASN A 344 -1.47 23.87 -9.06
CA ASN A 344 -1.68 25.21 -9.57
C ASN A 344 -0.74 26.23 -8.94
N ASN A 345 0.36 25.78 -8.33
CA ASN A 345 1.33 26.70 -7.74
C ASN A 345 2.69 25.98 -7.69
N GLU A 346 3.47 26.15 -8.76
CA GLU A 346 4.78 25.52 -8.85
C GLU A 346 5.78 26.08 -7.86
N ARG A 347 5.48 27.22 -7.22
CA ARG A 347 6.39 27.87 -6.29
C ARG A 347 6.03 27.65 -4.83
N PHE A 348 4.99 26.87 -4.55
CA PHE A 348 4.60 26.65 -3.16
C PHE A 348 5.67 25.84 -2.44
N PRO A 349 5.93 26.12 -1.15
CA PRO A 349 6.93 25.33 -0.42
C PRO A 349 6.62 23.84 -0.40
N THR A 350 7.51 23.04 0.20
CA THR A 350 7.37 21.60 0.16
C THR A 350 6.28 21.13 1.12
N ILE A 351 5.38 20.29 0.63
CA ILE A 351 4.31 19.70 1.43
C ILE A 351 4.65 18.24 1.68
N ASN A 352 4.95 17.90 2.93
CA ASN A 352 5.28 16.54 3.33
C ASN A 352 4.12 15.97 4.12
N ILE A 353 3.59 14.84 3.67
N ILE A 353 3.62 14.82 3.69
CA ILE A 353 2.45 14.18 4.30
CA ILE A 353 2.46 14.19 4.30
C ILE A 353 2.92 12.86 4.88
C ILE A 353 2.89 12.84 4.86
N ALA A 354 2.42 12.54 6.08
CA ALA A 354 2.69 11.27 6.75
C ALA A 354 1.52 10.33 6.52
N TYR A 355 1.81 9.04 6.38
CA TYR A 355 0.81 8.03 6.07
C TYR A 355 0.95 6.89 7.07
N SER A 356 -0.12 6.63 7.81
CA SER A 356 -0.12 5.55 8.79
C SER A 356 0.26 4.23 8.11
N TYR A 357 1.20 3.51 8.71
CA TYR A 357 1.70 2.26 8.16
C TYR A 357 1.14 1.11 8.98
N PHE A 358 1.98 0.40 9.73
CA PHE A 358 1.52 -0.63 10.65
C PHE A 358 1.74 -0.17 12.08
N ASN A 359 0.78 -0.47 12.95
CA ASN A 359 0.80 0.03 14.33
C ASN A 359 0.22 -1.03 15.25
N ILE A 360 0.92 -1.29 16.35
CA ILE A 360 0.55 -2.31 17.33
C ILE A 360 0.56 -1.66 18.70
N ALA A 361 -0.60 -1.59 19.35
CA ALA A 361 -0.73 -0.98 20.67
C ALA A 361 -1.15 -2.05 21.67
N ASN A 362 -0.21 -2.47 22.53
CA ASN A 362 -0.47 -3.47 23.55
C ASN A 362 -0.45 -2.89 24.96
N THR A 363 0.45 -1.94 25.25
CA THR A 363 0.57 -1.35 26.57
C THR A 363 -0.11 0.01 26.67
N CYS A 364 -0.80 0.44 25.62
CA CYS A 364 -1.58 1.66 25.64
C CYS A 364 -2.72 1.50 24.65
N SER A 365 -3.66 2.44 24.67
CA SER A 365 -4.73 2.41 23.70
C SER A 365 -4.22 2.88 22.34
N LEU A 366 -4.93 2.48 21.29
CA LEU A 366 -4.53 2.87 19.94
C LEU A 366 -4.58 4.38 19.76
N LYS A 367 -5.55 5.04 20.40
CA LYS A 367 -5.58 6.51 20.38
C LYS A 367 -4.35 7.08 21.06
N GLU A 368 -3.95 6.51 22.19
CA GLU A 368 -2.74 6.95 22.87
C GLU A 368 -1.51 6.75 22.00
N LEU A 369 -1.43 5.62 21.31
CA LEU A 369 -0.31 5.35 20.42
C LEU A 369 -0.26 6.37 19.28
N PHE A 370 -1.40 6.66 18.66
CA PHE A 370 -1.42 7.57 17.52
C PHE A 370 -1.04 8.98 17.92
N ASN A 371 -1.39 9.41 19.14
CA ASN A 371 -0.99 10.73 19.60
C ASN A 371 0.53 10.85 19.67
N GLU A 372 1.18 9.84 20.27
CA GLU A 372 2.65 9.81 20.24
C GLU A 372 3.16 9.85 18.81
N MET A 373 2.51 9.10 17.90
CA MET A 373 2.92 9.12 16.51
C MET A 373 2.67 10.48 15.87
N LEU A 374 1.61 11.17 16.26
CA LEU A 374 1.36 12.51 15.73
C LEU A 374 2.43 13.49 16.21
N ILE A 375 2.85 13.37 17.46
CA ILE A 375 3.95 14.20 17.95
C ILE A 375 5.20 13.93 17.13
N THR A 376 5.50 12.66 16.86
CA THR A 376 6.69 12.34 16.07
C THR A 376 6.54 12.81 14.62
N ALA A 377 5.31 12.77 14.08
CA ALA A 377 5.08 13.33 12.76
C ALA A 377 5.35 14.82 12.74
N LYS A 378 4.95 15.53 13.80
N LYS A 378 4.95 15.53 13.80
CA LYS A 378 5.27 16.94 13.90
CA LYS A 378 5.28 16.95 13.89
C LYS A 378 6.77 17.18 13.93
C LYS A 378 6.78 17.16 13.91
N ASN A 379 7.50 16.32 14.66
CA ASN A 379 8.95 16.44 14.73
C ASN A 379 9.63 16.15 13.40
N ASN A 380 8.96 15.43 12.49
CA ASN A 380 9.50 15.15 11.17
C ASN A 380 9.01 16.13 10.12
N ASN A 381 8.48 17.28 10.52
CA ASN A 381 8.05 18.32 9.61
C ASN A 381 7.03 17.77 8.60
N CYS A 382 6.03 17.06 9.11
CA CYS A 382 4.91 16.59 8.29
C CYS A 382 3.72 17.50 8.51
N ASP A 383 3.16 18.00 7.41
CA ASP A 383 2.07 18.96 7.47
C ASP A 383 0.72 18.32 7.78
N ALA A 384 0.56 17.03 7.45
CA ALA A 384 -0.65 16.31 7.77
C ALA A 384 -0.31 14.84 7.98
N PHE A 385 -1.19 14.14 8.68
CA PHE A 385 -1.07 12.71 8.92
C PHE A 385 -2.31 12.04 8.36
N ASN A 386 -2.12 11.19 7.35
CA ASN A 386 -3.20 10.48 6.68
C ASN A 386 -3.29 9.05 7.21
N THR A 387 -4.52 8.60 7.45
N THR A 387 -4.52 8.59 7.46
CA THR A 387 -4.78 7.26 7.96
CA THR A 387 -4.73 7.23 7.94
C THR A 387 -5.93 6.63 7.17
C THR A 387 -5.92 6.62 7.21
N LEU A 388 -5.84 5.32 6.97
CA LEU A 388 -6.94 4.54 6.40
C LEU A 388 -7.70 3.85 7.53
N ASP A 389 -8.97 3.54 7.28
CA ASP A 389 -9.75 2.80 8.27
C ASP A 389 -9.48 1.29 8.23
N LEU A 390 -8.22 0.92 8.06
CA LEU A 390 -7.80 -0.48 8.07
C LEU A 390 -7.53 -0.94 9.48
N MET A 391 -7.57 -2.26 9.66
CA MET A 391 -7.24 -2.91 10.94
C MET A 391 -8.12 -2.26 12.02
N GLN A 392 -7.56 -1.78 13.13
CA GLN A 392 -8.34 -1.22 14.22
C GLN A 392 -8.35 0.31 14.20
N ASN A 393 -7.94 0.92 13.09
CA ASN A 393 -7.75 2.36 13.04
C ASN A 393 -9.03 3.15 13.28
N LEU A 394 -10.21 2.50 13.20
CA LEU A 394 -11.44 3.23 13.50
C LEU A 394 -11.45 3.76 14.92
N GLN A 395 -10.81 3.04 15.85
CA GLN A 395 -10.75 3.50 17.24
C GLN A 395 -10.12 4.88 17.35
N VAL A 396 -9.19 5.20 16.45
CA VAL A 396 -8.53 6.49 16.46
C VAL A 396 -9.34 7.54 15.70
N ILE A 397 -10.13 7.11 14.72
CA ILE A 397 -10.82 8.04 13.84
C ILE A 397 -12.09 8.58 14.49
N GLN A 398 -12.83 7.73 15.19
CA GLN A 398 -14.10 8.17 15.75
C GLN A 398 -13.87 9.10 16.93
N ASP A 399 -14.74 10.10 17.05
CA ASP A 399 -14.64 11.11 18.11
C ASP A 399 -13.23 11.69 18.17
N SER A 400 -12.75 12.16 17.02
CA SER A 400 -11.42 12.71 16.91
C SER A 400 -11.47 14.00 16.12
N LYS A 401 -10.29 14.56 15.84
CA LYS A 401 -10.16 15.73 14.99
C LYS A 401 -9.70 15.36 13.58
N PHE A 402 -9.82 14.09 13.22
CA PHE A 402 -9.57 13.66 11.85
C PHE A 402 -10.67 14.18 10.94
N ILE A 403 -10.29 14.52 9.71
CA ILE A 403 -11.21 15.03 8.68
C ILE A 403 -11.23 14.04 7.52
N ILE A 404 -12.43 13.77 6.99
CA ILE A 404 -12.58 12.77 5.95
C ILE A 404 -11.99 13.29 4.64
N GLY A 405 -11.25 12.41 3.94
CA GLY A 405 -10.73 12.76 2.64
C GLY A 405 -11.79 12.66 1.55
N THR A 406 -11.42 13.10 0.34
CA THR A 406 -12.37 13.24 -0.75
C THR A 406 -12.60 11.97 -1.55
N GLY A 407 -11.66 11.02 -1.51
CA GLY A 407 -11.77 9.80 -2.27
C GLY A 407 -11.84 8.57 -1.39
N ARG A 408 -11.88 7.41 -2.05
N ARG A 408 -11.89 7.41 -2.05
CA ARG A 408 -11.89 6.12 -1.37
CA ARG A 408 -11.89 6.12 -1.40
C ARG A 408 -10.93 5.16 -2.09
C ARG A 408 -10.81 5.25 -2.05
N LEU A 409 -10.39 4.22 -1.34
CA LEU A 409 -9.35 3.30 -1.81
C LEU A 409 -9.93 1.91 -2.00
N ARG A 410 -9.97 1.44 -3.24
CA ARG A 410 -10.43 0.10 -3.57
C ARG A 410 -9.27 -0.89 -3.50
N TYR A 411 -9.55 -2.07 -2.93
CA TYR A 411 -8.58 -3.15 -2.81
C TYR A 411 -8.99 -4.31 -3.71
N TYR A 412 -8.05 -4.79 -4.52
CA TYR A 412 -8.26 -5.90 -5.43
C TYR A 412 -7.24 -7.00 -5.18
N VAL A 413 -7.60 -8.23 -5.56
CA VAL A 413 -6.68 -9.35 -5.55
C VAL A 413 -6.80 -10.06 -6.89
N PHE A 414 -5.66 -10.33 -7.52
CA PHE A 414 -5.63 -10.95 -8.84
C PHE A 414 -5.55 -12.47 -8.71
N ASN A 415 -6.48 -13.16 -9.38
CA ASN A 415 -6.52 -14.62 -9.40
C ASN A 415 -6.74 -15.21 -8.01
N TRP A 416 -7.58 -14.56 -7.21
CA TRP A 416 -7.98 -15.13 -5.93
C TRP A 416 -9.37 -14.61 -5.57
N LYS A 417 -10.13 -15.48 -4.92
N LYS A 417 -10.14 -15.46 -4.89
CA LYS A 417 -11.48 -15.14 -4.46
CA LYS A 417 -11.50 -15.12 -4.50
C LYS A 417 -11.42 -14.71 -3.00
C LYS A 417 -11.49 -14.73 -3.02
N ILE A 418 -11.95 -13.53 -2.72
CA ILE A 418 -12.12 -13.05 -1.35
C ILE A 418 -13.51 -12.45 -1.26
N PRO A 419 -14.35 -12.86 -0.31
CA PRO A 419 -15.67 -12.22 -0.17
C PRO A 419 -15.51 -10.78 0.27
N GLN A 420 -16.53 -9.98 -0.04
CA GLN A 420 -16.51 -8.58 0.40
C GLN A 420 -16.41 -8.53 1.92
N ILE A 421 -15.39 -7.84 2.43
CA ILE A 421 -15.12 -7.76 3.85
C ILE A 421 -14.92 -6.30 4.24
N SER A 422 -14.89 -6.07 5.54
CA SER A 422 -14.63 -4.72 6.04
C SER A 422 -13.16 -4.38 5.92
N PRO A 423 -12.83 -3.09 5.73
CA PRO A 423 -11.42 -2.69 5.76
C PRO A 423 -10.75 -3.06 7.07
N SER A 424 -11.50 -3.18 8.16
CA SER A 424 -10.91 -3.61 9.43
C SER A 424 -10.41 -5.04 9.38
N ASN A 425 -10.82 -5.82 8.37
CA ASN A 425 -10.33 -7.18 8.19
C ASN A 425 -9.07 -7.25 7.34
N VAL A 426 -8.49 -6.11 6.97
CA VAL A 426 -7.40 -6.06 6.00
C VAL A 426 -6.17 -5.47 6.66
N GLY A 427 -5.04 -6.15 6.49
CA GLY A 427 -3.76 -5.69 7.00
C GLY A 427 -2.73 -5.59 5.90
N ILE A 428 -3.09 -4.88 4.83
CA ILE A 428 -2.28 -4.71 3.64
C ILE A 428 -2.17 -3.21 3.37
N ILE A 429 -0.95 -2.70 3.31
CA ILE A 429 -0.70 -1.28 3.11
C ILE A 429 0.19 -1.13 1.88
N LEU A 430 -0.31 -0.43 0.87
CA LEU A 430 0.42 -0.20 -0.36
C LEU A 430 1.09 1.18 -0.33
N PHE A 431 2.16 1.30 -1.11
CA PHE A 431 2.96 2.52 -1.11
C PHE A 431 2.53 3.47 -2.23
S1 MYA B . -3.01 2.40 -9.02
C2 MYA B . -2.67 4.07 -9.84
C3 MYA B . -2.28 3.93 -11.33
N4 MYA B . -1.58 5.11 -11.88
C5 MYA B . -2.16 6.39 -12.02
O5 MYA B . -3.33 6.50 -11.71
C6 MYA B . -1.41 7.61 -12.58
C7 MYA B . -2.20 8.53 -13.49
N8 MYA B . -2.86 7.80 -14.56
C9 MYA B . -2.24 6.92 -15.45
O9 MYA B . -1.03 6.76 -15.36
C10 MYA B . -3.04 6.15 -16.58
O10 MYA B . -4.29 6.75 -16.60
C11 MYA B . -3.18 4.62 -16.32
C12 MYA B . -4.28 4.02 -17.33
C13 MYA B . -3.61 4.37 -14.89
C14 MYA B . -1.82 3.94 -16.58
N1A MYA B . -5.54 -0.01 -12.37
O1A MYA B . -6.68 3.35 -22.43
P1A MYA B . -5.83 2.88 -21.29
C1X MYA B . -7.80 0.05 -17.12
C2A MYA B . -5.91 -1.03 -13.23
O2A MYA B . -4.36 2.69 -21.46
P2A MYA B . -5.08 5.12 -19.56
C2M MYA B . -1.60 1.21 -9.32
O2M MYA B . -0.48 1.65 -9.47
C2X MYA B . -9.25 0.41 -17.49
O2X MYA B . -10.11 -0.34 -16.71
N3A MYA B . -6.48 -0.93 -14.44
O3A MYA B . -5.97 3.95 -20.14
C3M MYA B . -1.85 -0.30 -9.44
C3X MYA B . -9.34 -0.17 -18.95
O3X MYA B . -9.73 -1.44 -18.93
P3X MYA B . -11.18 -1.95 -19.32
C4A MYA B . -6.73 0.37 -14.85
O4A MYA B . -4.22 5.73 -20.62
C4M MYA B . -1.89 -0.86 -10.88
C4X MYA B . -7.83 0.07 -19.45
O4X MYA B . -7.04 0.33 -18.27
C5A MYA B . -6.40 1.51 -14.03
O5A MYA B . -5.72 6.09 -18.60
C5M MYA B . -2.84 -2.04 -11.17
C5X MYA B . -7.71 1.27 -20.43
O5X MYA B . -6.41 1.46 -20.90
C6A MYA B . -5.79 1.27 -12.78
N6A MYA B . -5.44 2.31 -11.92
O6A MYA B . -4.04 4.41 -18.60
C6M MYA B . -2.65 -2.72 -12.56
N7A MYA B . -6.77 2.69 -14.72
O7A MYA B . -12.11 -1.16 -18.42
C7M MYA B . -3.15 -4.18 -12.68
C8A MYA B . -7.30 2.27 -15.89
O8A MYA B . -11.06 -3.41 -18.96
C8M MYA B . -2.37 -5.24 -11.84
N9A MYA B . -7.29 0.87 -16.00
O9A MYA B . -11.27 -1.63 -20.79
C9M MYA B . -3.00 -6.65 -11.78
CAM MYA B . -2.02 -7.80 -11.46
CBM MYA B . -0.97 -8.13 -12.56
CCM MYA B . 0.08 -9.19 -12.16
CDM MYA B . -0.46 -10.63 -12.04
CEM MYA B . 0.52 -11.69 -11.50
CFM MYA B . -0.12 -13.02 -11.12
H2 MYA B . -1.87 4.52 -9.24
H2A MYA B . -3.58 4.64 -9.68
H3 MYA B . -3.20 3.71 -11.91
H3A MYA B . -1.68 3.01 -11.45
HN4 MYA B . -0.62 4.98 -12.15
H6 MYA B . -0.47 7.27 -13.09
H6A MYA B . -0.98 8.19 -11.74
H7 MYA B . -1.50 9.31 -13.89
H7A MYA B . -2.92 9.11 -12.87
HN8 MYA B . -3.85 7.94 -14.66
H10 MYA B . -2.46 6.30 -17.55
HO10 MYA B . -4.70 6.62 -17.45
H12 MYA B . -4.30 2.92 -17.21
H12A MYA B . -5.29 4.35 -16.98
H13 MYA B . -2.77 4.37 -14.18
H13A MYA B . -4.32 5.12 -14.52
H13B MYA B . -4.10 3.39 -14.76
H14 MYA B . -1.82 2.83 -16.46
H14A MYA B . -1.41 4.08 -17.59
H14B MYA B . -1.00 4.25 -15.92
H1X MYA B . -7.62 -0.99 -16.74
H2AA MYA B . -5.68 -2.07 -12.89
H2X MYA B . -9.47 1.49 -17.55
HO2X MYA B . -10.93 -0.44 -17.20
H3M MYA B . -2.78 -0.54 -8.88
H3MA MYA B . -1.09 -0.83 -8.83
H3X MYA B . -10.05 0.56 -19.41
H4M MYA B . -2.16 -0.02 -11.55
H4MA MYA B . -0.87 -1.14 -11.17
H4X MYA B . -7.35 -0.82 -19.86
H5M MYA B . -3.89 -1.71 -11.07
H5MA MYA B . -2.73 -2.81 -10.37
H5X MYA B . -8.11 2.15 -19.90
H5XA MYA B . -8.44 1.06 -21.25
HN6A MYA B . -4.96 2.12 -11.07
HN6B MYA B . -5.64 3.28 -12.10
H6M MYA B . -1.58 -2.69 -12.84
H6MA MYA B . -3.16 -2.12 -13.34
H7M MYA B . -3.13 -4.48 -13.74
H7MA MYA B . -4.22 -4.21 -12.40
H8A MYA B . -7.73 2.89 -16.71
H8M MYA B . -2.24 -4.85 -10.80
H8MA MYA B . -1.34 -5.31 -12.21
H9M MYA B . -3.82 -6.66 -11.05
H9MA MYA B . -3.52 -6.86 -12.74
HAM MYA B . -1.51 -7.58 -10.52
HAMA MYA B . -2.61 -8.71 -11.23
HBM MYA B . -1.49 -8.47 -13.48
HBMA MYA B . -0.45 -7.20 -12.86
HCM MYA B . 0.54 -8.91 -11.19
HCMA MYA B . 0.90 -9.19 -12.88
HDM MYA B . -1.37 -10.65 -11.39
HDMA MYA B . -0.83 -10.99 -13.03
HEM MYA B . 1.06 -11.30 -10.61
HEMA MYA B . 1.32 -11.88 -12.23
HFM MYA B . -0.09 -13.26 -10.05
HFMA MYA B . -1.18 -13.11 -11.38
HFMB MYA B . 0.34 -13.90 -11.59
C02 A1BHR C . -3.95 12.81 -1.92
C03 A1BHR C . -4.40 11.48 -2.54
C04 A1BHR C . -4.40 10.21 -1.89
C05 A1BHR C . -4.82 9.08 -2.50
C06 A1BHR C . -4.70 7.88 -1.55
C08 A1BHR C . -3.96 9.86 -0.44
C10 A1BHR C . -3.87 7.68 0.95
C11 A1BHR C . -2.92 6.63 0.91
C12 A1BHR C . -2.66 5.98 2.15
C13 A1BHR C . -3.24 6.34 3.28
C14 A1BHR C . -4.20 7.40 3.38
C15 A1BHR C . -4.49 8.08 2.19
C16 A1BHR C . -2.97 5.68 4.55
C17 A1BHR C . -2.03 4.62 4.49
C18 A1BHR C . -1.40 4.24 3.27
C19 A1BHR C . -1.69 4.90 2.06
C21 A1BHR C . -1.37 7.23 -0.91
C22 A1BHR C . 0.02 6.71 -1.34
C23 A1BHR C . -0.09 5.74 -2.53
C25 A1BHR C . -2.16 4.47 -2.24
C26 A1BHR C . -2.84 5.01 -0.96
C27 A1BHR C . -5.28 9.09 -3.85
C28 A1BHR C . -5.28 10.31 -4.51
C29 A1BHR C . -4.86 11.50 -3.88
C31 A1BHR C . -3.41 14.20 0.15
C33 A1BHR C . -2.96 15.65 1.95
C34 A1BHR C . -2.82 16.05 3.43
C35 A1BHR C . -2.72 16.47 0.80
C37 A1BHR C . -2.27 17.93 0.84
N07 A1BHR C . -4.18 8.42 -0.29
N20 A1BHR C . -2.25 6.21 -0.36
N24 A1BHR C . -0.70 4.46 -2.15
N30 A1BHR C . -3.80 12.95 -0.47
N32 A1BHR C . -3.37 14.31 1.54
O01 A1BHR C . -3.74 13.74 -2.63
O09 A1BHR C . -3.56 10.59 0.41
S36 A1BHR C . -2.98 15.62 -0.53
H061 A1BHR C . -5.68 7.43 -1.38
H062 A1BHR C . -4.01 7.15 -1.95
H141 A1BHR C . -4.67 7.68 4.33
H151 A1BHR C . -5.20 8.90 2.19
H161 A1BHR C . -3.45 5.98 5.47
H171 A1BHR C . -1.78 4.10 5.41
H181 A1BHR C . -0.68 3.42 3.27
H191 A1BHR C . -1.23 4.63 1.14
H212 A1BHR C . -1.23 8.01 -0.17
H211 A1BHR C . -1.86 7.68 -1.79
H221 A1BHR C . 0.47 6.20 -0.51
H222 A1BHR C . 0.64 7.55 -1.62
H231 A1BHR C . 0.92 5.56 -2.93
H232 A1BHR C . -0.70 6.21 -3.31
H251 A1BHR C . -2.51 3.46 -2.42
H252 A1BHR C . -2.45 5.10 -3.08
H262 A1BHR C . -2.82 4.21 -0.22
H261 A1BHR C . -3.88 5.24 -1.21
H271 A1BHR C . -5.60 8.17 -4.34
H281 A1BHR C . -5.62 10.36 -5.55
H291 A1BHR C . -4.87 12.44 -4.43
H342 A1BHR C . -2.42 15.21 4.00
H341 A1BHR C . -3.80 16.33 3.82
H343 A1BHR C . -2.14 16.90 3.51
H371 A1BHR C . -2.28 18.28 1.86
H372 A1BHR C . -2.95 18.54 0.25
H373 A1BHR C . -1.26 18.02 0.43
H242 A1BHR C . -0.43 4.26 -1.20
H301 A1BHR C . -3.99 12.16 0.12
H241 A1BHR C . -0.34 3.74 -2.76
CL CL D . -7.18 -3.46 -24.14
CL CL E . -16.53 0.22 -5.44
CL CL F . 20.51 0.13 13.08
CL CL G . 10.99 8.03 26.69
#